data_7OXZ
#
_entry.id   7OXZ
#
_cell.length_a   66.380
_cell.length_b   66.380
_cell.length_c   263.186
_cell.angle_alpha   90.000
_cell.angle_beta   90.000
_cell.angle_gamma   120.000
#
_symmetry.space_group_name_H-M   'P 65 2 2'
#
loop_
_entity.id
_entity.type
_entity.pdbx_description
1 polymer 'Vitamin D3 receptor A'
2 polymer 'Nuclear receptor coactivator 1'
3 non-polymer (3R,6R)-6-[(3R,5R,8R,9S,10S,13R,14S,17R)-10,13-dimethyl-3-(2-methyl-2-oxidanyl-propyl)-2,3,4,5,6,7,8,9,11,12,14,15,16,17-tetradecahydro-1H-cyclopenta[a]phenanthren-17-yl]heptane-1,3-diol
4 water water
#
loop_
_entity_poly.entity_id
_entity_poly.type
_entity_poly.pdbx_seq_one_letter_code
_entity_poly.pdbx_strand_id
1 'polypeptide(L)'
;GSHMLSDEQMQIINSLVEAHHKTYDDSYSDFVRFRPPVREGPVTRSASRAASLHSLSDASSDSFNHSPESVDTKLNFSNL
LMMYQDSGSPDSSEEDQQSRLSMLPHLADLVSYSIQKVIGFAKMIPGFRDLTAEDQIALLKSSAIEIIMLRSNQSFSLED
MSWSCGGPDFKYCINDVTKAGHTLELLEPLVKFQVGLKKLKLHEEEHVLLMAICLLSPDRPGVQDHVRIEALQDRLCDVL
QAYIRIQHPGGRLLYAKMIQKLADLRSLNEEHSKQYRSLSFQPEHSMQLTPLVLEVFGSEVS
;
A
2 'polypeptide(L)' RHKILHRLLQEGSPS B
#
# COMPACT_ATOMS: atom_id res chain seq x y z
N MET A 4 -29.24 -5.07 5.00
CA MET A 4 -28.86 -6.09 4.03
C MET A 4 -28.26 -5.49 2.75
N LEU A 5 -27.10 -6.00 2.31
CA LEU A 5 -26.34 -5.39 1.22
C LEU A 5 -26.98 -5.63 -0.15
N SER A 6 -26.99 -4.59 -0.98
CA SER A 6 -27.56 -4.71 -2.30
C SER A 6 -26.62 -5.45 -3.24
N ASP A 7 -27.13 -5.75 -4.42
CA ASP A 7 -26.33 -6.44 -5.43
C ASP A 7 -25.24 -5.54 -5.99
N GLU A 8 -25.56 -4.27 -6.25
CA GLU A 8 -24.54 -3.33 -6.70
C GLU A 8 -23.37 -3.27 -5.72
N GLN A 9 -23.66 -3.18 -4.41
CA GLN A 9 -22.60 -3.20 -3.40
C GLN A 9 -21.91 -4.54 -3.34
N MET A 10 -22.64 -5.61 -3.65
CA MET A 10 -22.06 -6.94 -3.62
C MET A 10 -21.02 -7.09 -4.74
N GLN A 11 -21.32 -6.60 -5.95
CA GLN A 11 -20.39 -6.71 -7.06
C GLN A 11 -19.09 -5.98 -6.78
N ILE A 12 -19.17 -4.81 -6.12
CA ILE A 12 -18.00 -4.04 -5.76
C ILE A 12 -17.05 -4.87 -4.89
N ILE A 13 -17.60 -5.54 -3.89
CA ILE A 13 -16.79 -6.40 -3.03
C ILE A 13 -16.16 -7.50 -3.86
N ASN A 14 -16.96 -8.20 -4.66
CA ASN A 14 -16.45 -9.27 -5.52
C ASN A 14 -15.28 -8.79 -6.36
N SER A 15 -15.44 -7.65 -7.03
CA SER A 15 -14.38 -7.19 -7.92
C SER A 15 -13.19 -6.66 -7.15
N LEU A 16 -13.39 -6.12 -5.95
CA LEU A 16 -12.22 -5.74 -5.18
C LEU A 16 -11.45 -6.97 -4.71
N VAL A 17 -12.15 -8.03 -4.30
CA VAL A 17 -11.48 -9.25 -3.86
C VAL A 17 -10.76 -9.91 -5.03
N GLU A 18 -11.42 -10.01 -6.17
CA GLU A 18 -10.79 -10.58 -7.35
C GLU A 18 -9.56 -9.77 -7.77
N ALA A 19 -9.62 -8.45 -7.60
CA ALA A 19 -8.48 -7.62 -7.98
C ALA A 19 -7.29 -7.87 -7.07
N HIS A 20 -7.56 -8.05 -5.78
CA HIS A 20 -6.47 -8.28 -4.83
C HIS A 20 -5.85 -9.66 -5.05
N HIS A 21 -6.68 -10.67 -5.31
CA HIS A 21 -6.15 -12.01 -5.52
C HIS A 21 -5.29 -12.10 -6.78
N LYS A 22 -5.57 -11.26 -7.78
CA LYS A 22 -4.74 -11.26 -8.98
C LYS A 22 -3.39 -10.59 -8.75
N THR A 23 -3.28 -9.72 -7.77
CA THR A 23 -2.10 -8.88 -7.64
C THR A 23 -1.32 -9.16 -6.37
N TYR A 24 -1.76 -10.10 -5.53
CA TYR A 24 -1.00 -10.52 -4.35
C TYR A 24 -0.62 -11.98 -4.53
N ASP A 25 0.65 -12.25 -4.74
CA ASP A 25 1.13 -13.61 -4.91
C ASP A 25 1.49 -14.18 -3.55
N ASP A 26 0.62 -15.05 -3.03
CA ASP A 26 0.82 -15.73 -1.75
C ASP A 26 2.02 -16.67 -1.73
N SER A 27 2.60 -16.99 -2.88
CA SER A 27 3.74 -17.90 -2.92
C SER A 27 5.07 -17.15 -2.85
N TYR A 28 5.07 -15.84 -3.11
CA TYR A 28 6.24 -14.97 -2.97
C TYR A 28 7.39 -15.42 -3.86
N SER A 29 7.09 -16.13 -4.95
CA SER A 29 8.13 -16.72 -5.76
C SER A 29 8.85 -15.71 -6.66
N ASP A 30 8.37 -14.49 -6.76
CA ASP A 30 9.12 -13.49 -7.52
C ASP A 30 10.29 -12.91 -6.73
N PHE A 31 10.35 -13.14 -5.41
CA PHE A 31 11.33 -12.47 -4.56
C PHE A 31 12.77 -12.90 -4.88
N VAL A 32 12.95 -14.10 -5.44
CA VAL A 32 14.24 -14.57 -5.91
C VAL A 32 14.76 -13.77 -7.10
N ARG A 33 13.90 -12.99 -7.76
CA ARG A 33 14.30 -12.15 -8.88
C ARG A 33 15.05 -10.90 -8.43
N PHE A 34 14.81 -10.46 -7.20
CA PHE A 34 15.36 -9.23 -6.67
C PHE A 34 16.85 -9.35 -6.43
N ARG A 35 17.50 -8.20 -6.37
CA ARG A 35 18.88 -8.20 -5.89
C ARG A 35 18.85 -8.78 -4.47
N PRO A 36 19.71 -9.77 -4.18
CA PRO A 36 19.57 -10.54 -2.94
C PRO A 36 19.77 -9.69 -1.71
N PRO A 37 19.24 -10.11 -0.56
CA PRO A 37 19.47 -9.36 0.68
C PRO A 37 20.87 -9.56 1.20
N VAL A 38 21.32 -8.61 2.02
CA VAL A 38 22.60 -8.69 2.72
C VAL A 38 22.38 -8.29 4.17
N ARG A 39 22.75 -9.17 5.10
CA ARG A 39 22.60 -8.92 6.52
C ARG A 39 23.90 -9.17 7.29
N ARG A 100 25.06 -0.82 6.76
CA ARG A 100 23.89 -0.07 7.23
C ARG A 100 22.99 0.29 6.07
N LEU A 101 23.53 0.12 4.86
CA LEU A 101 22.74 0.19 3.64
C LEU A 101 22.72 -1.15 2.92
N SER A 102 23.07 -2.23 3.62
CA SER A 102 23.23 -3.53 2.98
C SER A 102 21.92 -4.04 2.37
N MET A 103 20.77 -3.63 2.92
CA MET A 103 19.47 -4.08 2.44
C MET A 103 18.82 -3.17 1.41
N LEU A 104 19.45 -2.03 1.07
CA LEU A 104 18.78 -1.07 0.19
C LEU A 104 18.53 -1.63 -1.21
N PRO A 105 19.50 -2.32 -1.85
CA PRO A 105 19.20 -2.90 -3.18
C PRO A 105 18.02 -3.86 -3.14
N HIS A 106 18.03 -4.80 -2.19
CA HIS A 106 16.94 -5.76 -2.12
C HIS A 106 15.62 -5.08 -1.82
N LEU A 107 15.61 -4.21 -0.80
CA LEU A 107 14.33 -3.63 -0.38
C LEU A 107 13.77 -2.68 -1.42
N ALA A 108 14.64 -2.06 -2.24
CA ALA A 108 14.18 -1.20 -3.32
C ALA A 108 13.57 -2.01 -4.47
N ASP A 109 14.16 -3.18 -4.79
CA ASP A 109 13.53 -4.07 -5.75
C ASP A 109 12.18 -4.55 -5.24
N LEU A 110 12.12 -4.83 -3.93
CA LEU A 110 10.89 -5.24 -3.27
C LEU A 110 9.79 -4.18 -3.41
N VAL A 111 10.10 -2.95 -3.01
CA VAL A 111 9.10 -1.89 -3.10
C VAL A 111 8.73 -1.60 -4.54
N SER A 112 9.68 -1.73 -5.46
CA SER A 112 9.37 -1.51 -6.87
C SER A 112 8.39 -2.58 -7.38
N TYR A 113 8.61 -3.84 -7.01
CA TYR A 113 7.68 -4.90 -7.38
C TYR A 113 6.31 -4.63 -6.80
N SER A 114 6.26 -4.25 -5.51
CA SER A 114 4.99 -3.94 -4.86
C SER A 114 4.23 -2.81 -5.56
N ILE A 115 4.96 -1.78 -6.02
CA ILE A 115 4.32 -0.67 -6.71
C ILE A 115 3.60 -1.17 -7.96
N GLN A 116 4.20 -2.13 -8.65
CA GLN A 116 3.55 -2.67 -9.83
C GLN A 116 2.27 -3.40 -9.46
N LYS A 117 2.29 -4.13 -8.34
CA LYS A 117 1.08 -4.82 -7.92
C LYS A 117 -0.02 -3.82 -7.57
N VAL A 118 0.36 -2.69 -6.95
CA VAL A 118 -0.62 -1.67 -6.59
C VAL A 118 -1.20 -1.00 -7.83
N ILE A 119 -0.40 -0.80 -8.88
CA ILE A 119 -0.93 -0.24 -10.13
C ILE A 119 -1.91 -1.22 -10.77
N GLY A 120 -1.57 -2.50 -10.76
CA GLY A 120 -2.51 -3.52 -11.22
C GLY A 120 -3.78 -3.55 -10.40
N PHE A 121 -3.65 -3.45 -9.07
CA PHE A 121 -4.82 -3.40 -8.22
C PHE A 121 -5.69 -2.18 -8.56
N ALA A 122 -5.09 -0.99 -8.54
CA ALA A 122 -5.84 0.23 -8.80
C ALA A 122 -6.56 0.18 -10.14
N LYS A 123 -5.92 -0.38 -11.17
CA LYS A 123 -6.53 -0.38 -12.50
C LYS A 123 -7.82 -1.19 -12.51
N MET A 124 -8.05 -2.02 -11.50
CA MET A 124 -9.25 -2.82 -11.42
C MET A 124 -10.24 -2.33 -10.39
N ILE A 125 -9.98 -1.20 -9.74
CA ILE A 125 -11.02 -0.63 -8.88
C ILE A 125 -12.11 -0.02 -9.75
N PRO A 126 -13.41 -0.34 -9.50
CA PRO A 126 -14.49 0.24 -10.30
C PRO A 126 -14.44 1.76 -10.38
N GLY A 127 -14.10 2.30 -11.54
CA GLY A 127 -14.13 3.73 -11.78
C GLY A 127 -12.76 4.37 -11.81
N PHE A 128 -11.74 3.69 -11.31
CA PHE A 128 -10.38 4.24 -11.42
C PHE A 128 -9.97 4.36 -12.87
N ARG A 129 -10.16 3.29 -13.64
CA ARG A 129 -9.84 3.28 -15.07
C ARG A 129 -10.47 4.45 -15.81
N ASP A 130 -11.59 4.96 -15.33
CA ASP A 130 -12.31 6.03 -16.02
C ASP A 130 -11.89 7.43 -15.60
N LEU A 131 -11.06 7.56 -14.58
CA LEU A 131 -10.49 8.86 -14.26
C LEU A 131 -9.46 9.25 -15.33
N THR A 132 -9.08 10.52 -15.32
CA THR A 132 -8.03 10.97 -16.22
C THR A 132 -6.69 10.32 -15.86
N ALA A 133 -5.80 10.23 -16.86
CA ALA A 133 -4.46 9.69 -16.60
C ALA A 133 -3.75 10.54 -15.56
N GLU A 134 -3.99 11.84 -15.57
CA GLU A 134 -3.40 12.72 -14.57
C GLU A 134 -3.92 12.41 -13.18
N ASP A 135 -5.24 12.26 -13.03
CA ASP A 135 -5.78 11.92 -11.71
C ASP A 135 -5.29 10.55 -11.25
N GLN A 136 -5.15 9.60 -12.16
CA GLN A 136 -4.67 8.28 -11.78
C GLN A 136 -3.23 8.38 -11.28
N ILE A 137 -2.39 9.12 -11.99
CA ILE A 137 -1.00 9.28 -11.60
C ILE A 137 -0.89 9.99 -10.25
N ALA A 138 -1.67 11.05 -10.06
CA ALA A 138 -1.60 11.79 -8.80
C ALA A 138 -2.02 10.91 -7.62
N LEU A 139 -3.09 10.13 -7.79
CA LEU A 139 -3.55 9.28 -6.69
C LEU A 139 -2.53 8.19 -6.38
N LEU A 140 -1.87 7.66 -7.41
CA LEU A 140 -0.86 6.62 -7.21
C LEU A 140 0.41 7.18 -6.57
N LYS A 141 0.81 8.40 -6.93
CA LYS A 141 2.05 8.94 -6.40
C LYS A 141 1.93 9.31 -4.93
N SER A 142 0.75 9.70 -4.49
CA SER A 142 0.63 9.98 -3.08
C SER A 142 0.21 8.78 -2.25
N SER A 143 -0.46 7.78 -2.82
CA SER A 143 -0.97 6.69 -1.99
C SER A 143 -0.12 5.44 -2.03
N ALA A 144 0.65 5.23 -3.11
CA ALA A 144 1.45 4.00 -3.28
C ALA A 144 2.11 3.51 -2.00
N ILE A 145 2.83 4.40 -1.31
CA ILE A 145 3.58 3.93 -0.14
C ILE A 145 2.62 3.46 0.94
N GLU A 146 1.42 4.06 1.01
CA GLU A 146 0.45 3.66 2.03
C GLU A 146 -0.19 2.32 1.70
N ILE A 147 -0.40 2.02 0.41
CA ILE A 147 -1.05 0.76 0.11
C ILE A 147 -0.08 -0.41 0.27
N ILE A 148 1.20 -0.17 -0.01
CA ILE A 148 2.23 -1.17 0.24
C ILE A 148 2.29 -1.53 1.73
N MET A 149 2.38 -0.51 2.60
CA MET A 149 2.33 -0.77 4.05
C MET A 149 1.07 -1.52 4.44
N LEU A 150 -0.06 -1.18 3.82
CA LEU A 150 -1.35 -1.79 4.15
C LEU A 150 -1.41 -3.23 3.64
N ARG A 151 -1.05 -3.43 2.37
CA ARG A 151 -1.10 -4.79 1.81
C ARG A 151 -0.07 -5.70 2.45
N SER A 152 0.99 -5.14 3.03
CA SER A 152 2.01 -5.93 3.70
C SER A 152 1.50 -6.58 4.98
N ASN A 153 0.32 -6.18 5.47
CA ASN A 153 -0.17 -6.75 6.72
C ASN A 153 -0.44 -8.24 6.57
N GLN A 154 -0.68 -8.73 5.36
CA GLN A 154 -1.06 -10.14 5.23
C GLN A 154 0.12 -11.07 5.47
N SER A 155 1.35 -10.58 5.39
CA SER A 155 2.53 -11.36 5.74
C SER A 155 3.16 -10.96 7.06
N PHE A 156 2.65 -9.92 7.71
CA PHE A 156 3.17 -9.55 9.02
C PHE A 156 2.70 -10.55 10.05
N SER A 157 3.55 -10.80 11.04
CA SER A 157 3.27 -11.83 12.03
C SER A 157 3.42 -11.25 13.42
N LEU A 158 2.37 -11.41 14.25
CA LEU A 158 2.45 -10.93 15.62
C LEU A 158 3.48 -11.71 16.42
N GLU A 159 3.51 -13.03 16.27
CA GLU A 159 4.51 -13.82 16.95
C GLU A 159 5.93 -13.43 16.53
N ASP A 160 6.13 -13.23 15.22
CA ASP A 160 7.46 -12.96 14.69
C ASP A 160 7.84 -11.49 14.81
N MET A 161 6.87 -10.60 14.81
CA MET A 161 7.12 -9.16 14.62
C MET A 161 7.85 -8.91 13.31
N SER A 162 7.65 -9.83 12.35
CA SER A 162 8.38 -9.80 11.11
C SER A 162 7.40 -10.05 9.98
N TRP A 163 7.86 -9.82 8.77
CA TRP A 163 7.07 -10.09 7.57
C TRP A 163 7.56 -11.42 6.99
N SER A 164 6.76 -12.47 7.15
CA SER A 164 7.12 -13.80 6.64
C SER A 164 6.72 -13.90 5.17
N CYS A 165 7.70 -13.75 4.28
CA CYS A 165 7.46 -13.77 2.83
C CYS A 165 8.02 -15.00 2.14
N GLY A 166 7.75 -16.20 2.66
CA GLY A 166 8.26 -17.38 2.01
C GLY A 166 9.41 -17.98 2.77
N GLY A 167 10.57 -18.15 2.10
CA GLY A 167 11.70 -18.81 2.69
C GLY A 167 12.37 -17.99 3.77
N PRO A 168 13.46 -18.53 4.33
CA PRO A 168 14.14 -17.83 5.42
C PRO A 168 14.89 -16.59 4.97
N ASP A 169 15.32 -16.52 3.72
CA ASP A 169 15.95 -15.31 3.22
C ASP A 169 14.99 -14.14 3.12
N PHE A 170 13.68 -14.37 3.14
CA PHE A 170 12.72 -13.29 3.01
C PHE A 170 11.83 -13.15 4.24
N LYS A 171 12.32 -13.59 5.40
CA LYS A 171 11.76 -13.21 6.69
C LYS A 171 12.40 -11.89 7.07
N TYR A 172 11.62 -10.80 7.09
CA TYR A 172 12.16 -9.45 7.33
C TYR A 172 11.90 -9.03 8.78
N CYS A 173 12.93 -9.18 9.61
N CYS A 173 12.91 -9.19 9.63
CA CYS A 173 12.93 -8.69 10.98
CA CYS A 173 12.76 -8.68 10.99
C CYS A 173 13.07 -7.17 10.99
C CYS A 173 13.03 -7.18 11.00
N ILE A 174 13.01 -6.60 12.20
CA ILE A 174 13.19 -5.15 12.31
C ILE A 174 14.65 -4.77 12.07
N ASN A 175 15.57 -5.70 12.25
CA ASN A 175 16.98 -5.40 11.98
C ASN A 175 17.23 -5.23 10.49
N ASP A 176 16.69 -6.15 9.67
CA ASP A 176 16.97 -6.09 8.23
C ASP A 176 16.41 -4.82 7.62
N VAL A 177 15.24 -4.40 8.10
CA VAL A 177 14.50 -3.28 7.55
C VAL A 177 15.03 -1.92 8.01
N THR A 178 15.93 -1.91 9.00
CA THR A 178 16.64 -0.68 9.32
C THR A 178 17.92 -0.52 8.53
N LYS A 179 18.18 -1.42 7.58
CA LYS A 179 19.42 -1.38 6.80
C LYS A 179 19.21 -0.83 5.39
N ALA A 180 18.21 0.05 5.17
CA ALA A 180 17.93 0.53 3.83
C ALA A 180 17.81 2.05 3.77
N GLY A 181 18.47 2.77 4.66
CA GLY A 181 18.52 4.22 4.61
C GLY A 181 17.53 4.90 5.52
N HIS A 182 16.49 4.21 5.96
CA HIS A 182 15.47 4.79 6.81
C HIS A 182 15.74 4.45 8.27
N THR A 183 15.20 5.27 9.16
CA THR A 183 15.52 5.21 10.57
C THR A 183 14.32 4.74 11.38
N LEU A 184 14.53 4.61 12.69
CA LEU A 184 13.50 4.17 13.60
C LEU A 184 12.33 5.15 13.67
N GLU A 185 12.59 6.43 13.40
CA GLU A 185 11.49 7.39 13.36
C GLU A 185 10.44 6.97 12.36
N LEU A 186 10.84 6.25 11.30
CA LEU A 186 9.89 5.63 10.38
C LEU A 186 9.55 4.21 10.77
N LEU A 187 10.50 3.45 11.31
CA LEU A 187 10.31 2.02 11.41
C LEU A 187 9.57 1.60 12.67
N GLU A 188 9.78 2.28 13.80
CA GLU A 188 8.99 1.98 14.99
C GLU A 188 7.51 2.26 14.76
N PRO A 189 7.11 3.46 14.29
CA PRO A 189 5.68 3.66 14.01
C PRO A 189 5.12 2.65 13.02
N LEU A 190 5.88 2.29 11.99
CA LEU A 190 5.36 1.36 10.99
C LEU A 190 5.13 -0.01 11.61
N VAL A 191 6.00 -0.42 12.52
CA VAL A 191 5.82 -1.72 13.17
C VAL A 191 4.64 -1.67 14.12
N LYS A 192 4.48 -0.56 14.85
CA LYS A 192 3.33 -0.41 15.74
C LYS A 192 2.03 -0.38 14.96
N PHE A 193 2.07 0.19 13.76
CA PHE A 193 0.92 0.16 12.87
C PHE A 193 0.57 -1.28 12.49
N GLN A 194 1.58 -2.08 12.13
CA GLN A 194 1.31 -3.44 11.67
C GLN A 194 0.65 -4.27 12.77
N VAL A 195 1.12 -4.17 14.01
CA VAL A 195 0.51 -4.97 15.06
C VAL A 195 -0.85 -4.40 15.44
N GLY A 196 -1.01 -3.08 15.39
CA GLY A 196 -2.34 -2.52 15.61
C GLY A 196 -3.33 -3.02 14.56
N LEU A 197 -2.91 -3.09 13.30
CA LEU A 197 -3.80 -3.50 12.23
C LEU A 197 -4.03 -5.01 12.23
N LYS A 198 -2.98 -5.82 12.48
CA LYS A 198 -3.16 -7.25 12.64
C LYS A 198 -4.19 -7.57 13.71
N LYS A 199 -4.12 -6.85 14.84
CA LYS A 199 -4.98 -7.12 15.99
C LYS A 199 -6.46 -6.87 15.69
N LEU A 200 -6.77 -6.09 14.67
CA LEU A 200 -8.14 -5.79 14.26
C LEU A 200 -8.83 -6.99 13.61
N LYS A 201 -8.07 -7.97 13.12
CA LYS A 201 -8.57 -9.21 12.51
C LYS A 201 -9.61 -8.97 11.40
N LEU A 202 -9.23 -8.13 10.45
CA LEU A 202 -10.12 -7.76 9.36
C LEU A 202 -10.42 -8.95 8.44
N HIS A 203 -11.69 -9.07 8.06
CA HIS A 203 -12.03 -9.94 6.95
C HIS A 203 -11.29 -9.45 5.72
N GLU A 204 -11.04 -10.36 4.78
CA GLU A 204 -10.31 -9.94 3.58
C GLU A 204 -11.10 -8.89 2.81
N GLU A 205 -12.44 -8.97 2.87
CA GLU A 205 -13.29 -7.98 2.22
C GLU A 205 -13.06 -6.59 2.81
N GLU A 206 -12.95 -6.51 4.15
CA GLU A 206 -12.70 -5.23 4.80
C GLU A 206 -11.30 -4.71 4.47
N HIS A 207 -10.29 -5.58 4.53
CA HIS A 207 -8.90 -5.24 4.21
C HIS A 207 -8.78 -4.66 2.81
N VAL A 208 -9.47 -5.28 1.86
CA VAL A 208 -9.45 -4.88 0.47
C VAL A 208 -10.24 -3.59 0.27
N LEU A 209 -11.37 -3.46 0.95
CA LEU A 209 -12.12 -2.21 0.88
C LEU A 209 -11.26 -1.04 1.40
N LEU A 210 -10.46 -1.27 2.44
CA LEU A 210 -9.65 -0.19 2.99
C LEU A 210 -8.56 0.23 2.02
N MET A 211 -7.94 -0.75 1.34
CA MET A 211 -6.95 -0.41 0.34
C MET A 211 -7.54 0.48 -0.74
N ALA A 212 -8.77 0.17 -1.17
CA ALA A 212 -9.39 0.95 -2.22
C ALA A 212 -9.81 2.32 -1.72
N ILE A 213 -10.26 2.41 -0.47
CA ILE A 213 -10.66 3.69 0.08
C ILE A 213 -9.42 4.58 0.23
N CYS A 214 -8.32 3.96 0.64
CA CYS A 214 -7.07 4.69 0.81
C CYS A 214 -6.57 5.24 -0.52
N LEU A 215 -6.54 4.39 -1.55
CA LEU A 215 -6.14 4.83 -2.86
C LEU A 215 -7.06 5.94 -3.38
N LEU A 216 -8.37 5.81 -3.18
CA LEU A 216 -9.34 6.72 -3.77
C LEU A 216 -9.59 7.99 -2.93
N SER A 217 -8.60 8.49 -2.20
CA SER A 217 -8.83 9.68 -1.40
C SER A 217 -8.70 10.93 -2.26
N PRO A 218 -9.68 11.83 -2.25
CA PRO A 218 -9.54 13.07 -3.03
C PRO A 218 -8.72 14.15 -2.35
N ASP A 219 -8.41 14.02 -1.06
CA ASP A 219 -7.58 15.03 -0.38
C ASP A 219 -6.11 14.69 -0.54
N ARG A 220 -5.72 14.46 -1.79
CA ARG A 220 -4.36 14.11 -2.14
C ARG A 220 -3.79 15.17 -3.08
N PRO A 221 -2.52 15.54 -2.91
CA PRO A 221 -1.94 16.60 -3.76
C PRO A 221 -1.93 16.19 -5.22
N GLY A 222 -2.56 17.01 -6.05
CA GLY A 222 -2.57 16.85 -7.48
C GLY A 222 -3.90 16.47 -8.08
N VAL A 223 -4.91 16.13 -7.29
CA VAL A 223 -6.14 15.64 -7.89
C VAL A 223 -6.97 16.83 -8.35
N GLN A 224 -7.59 16.68 -9.51
CA GLN A 224 -8.37 17.74 -10.13
C GLN A 224 -9.86 17.48 -9.94
N ASP A 225 -10.34 16.35 -10.44
CA ASP A 225 -11.75 15.99 -10.29
C ASP A 225 -12.03 15.54 -8.86
N HIS A 226 -11.96 16.48 -7.91
CA HIS A 226 -12.20 16.17 -6.50
C HIS A 226 -13.56 15.49 -6.32
N VAL A 227 -14.61 16.10 -6.87
CA VAL A 227 -15.96 15.61 -6.61
C VAL A 227 -16.15 14.20 -7.14
N ARG A 228 -15.46 13.85 -8.23
CA ARG A 228 -15.67 12.51 -8.78
C ARG A 228 -14.99 11.47 -7.92
N ILE A 229 -13.75 11.74 -7.53
CA ILE A 229 -13.03 10.81 -6.68
C ILE A 229 -13.74 10.68 -5.33
N GLU A 230 -14.24 11.80 -4.80
CA GLU A 230 -14.95 11.74 -3.53
C GLU A 230 -16.21 10.88 -3.62
N ALA A 231 -16.88 10.89 -4.78
CA ALA A 231 -18.08 10.08 -4.90
C ALA A 231 -17.73 8.60 -4.95
N LEU A 232 -16.62 8.25 -5.59
CA LEU A 232 -16.21 6.86 -5.62
C LEU A 232 -15.84 6.39 -4.22
N GLN A 233 -15.09 7.20 -3.50
CA GLN A 233 -14.69 6.80 -2.16
C GLN A 233 -15.90 6.70 -1.25
N ASP A 234 -16.84 7.65 -1.36
CA ASP A 234 -18.03 7.60 -0.52
C ASP A 234 -18.77 6.28 -0.69
N ARG A 235 -18.95 5.84 -1.93
CA ARG A 235 -19.69 4.61 -2.15
C ARG A 235 -18.90 3.42 -1.63
N LEU A 236 -17.57 3.50 -1.64
CA LEU A 236 -16.77 2.45 -1.01
C LEU A 236 -16.98 2.42 0.50
N CYS A 237 -17.03 3.60 1.15
CA CYS A 237 -17.23 3.64 2.60
C CYS A 237 -18.59 3.08 2.98
N ASP A 238 -19.63 3.43 2.21
CA ASP A 238 -20.95 2.86 2.46
C ASP A 238 -20.89 1.34 2.48
N VAL A 239 -20.24 0.75 1.47
CA VAL A 239 -20.11 -0.71 1.41
C VAL A 239 -19.38 -1.22 2.64
N LEU A 240 -18.34 -0.49 3.07
CA LEU A 240 -17.54 -0.95 4.19
C LEU A 240 -18.35 -0.94 5.49
N GLN A 241 -19.04 0.17 5.78
CA GLN A 241 -19.84 0.25 7.01
C GLN A 241 -20.96 -0.78 6.99
N ALA A 242 -21.57 -0.99 5.82
CA ALA A 242 -22.66 -1.94 5.71
C ALA A 242 -22.17 -3.37 5.92
N TYR A 243 -21.06 -3.73 5.28
CA TYR A 243 -20.47 -5.05 5.44
C TYR A 243 -20.19 -5.36 6.91
N ILE A 244 -19.52 -4.42 7.60
CA ILE A 244 -19.18 -4.59 9.01
C ILE A 244 -20.43 -4.83 9.83
N ARG A 245 -21.43 -3.95 9.69
CA ARG A 245 -22.66 -4.07 10.46
C ARG A 245 -23.29 -5.45 10.30
N ILE A 246 -23.30 -5.96 9.08
CA ILE A 246 -24.13 -7.12 8.76
C ILE A 246 -23.33 -8.41 8.84
N GLN A 247 -22.04 -8.38 8.46
CA GLN A 247 -21.22 -9.58 8.35
C GLN A 247 -20.10 -9.70 9.38
N HIS A 248 -19.84 -8.66 10.18
CA HIS A 248 -18.73 -8.73 11.12
C HIS A 248 -19.25 -8.72 12.55
N PRO A 249 -19.24 -9.86 13.24
CA PRO A 249 -19.78 -9.91 14.60
C PRO A 249 -18.95 -9.10 15.58
N GLY A 250 -19.63 -8.27 16.37
CA GLY A 250 -18.96 -7.43 17.34
C GLY A 250 -18.16 -6.30 16.72
N GLY A 251 -18.53 -5.84 15.53
CA GLY A 251 -17.77 -4.83 14.83
C GLY A 251 -18.30 -3.42 14.96
N ARG A 252 -19.06 -3.14 16.02
CA ARG A 252 -19.70 -1.83 16.17
C ARG A 252 -18.69 -0.69 16.20
N LEU A 253 -17.44 -0.95 16.61
CA LEU A 253 -16.41 0.08 16.63
C LEU A 253 -15.43 0.00 15.46
N LEU A 254 -15.53 -1.02 14.62
CA LEU A 254 -14.44 -1.33 13.70
C LEU A 254 -14.31 -0.30 12.58
N TYR A 255 -15.44 0.24 12.09
CA TYR A 255 -15.34 1.27 11.05
C TYR A 255 -14.45 2.41 11.51
N ALA A 256 -14.71 2.91 12.73
CA ALA A 256 -13.97 4.05 13.26
C ALA A 256 -12.48 3.73 13.42
N LYS A 257 -12.14 2.51 13.84
CA LYS A 257 -10.73 2.16 14.00
C LYS A 257 -10.02 2.17 12.67
N MET A 258 -10.67 1.61 11.63
CA MET A 258 -10.07 1.54 10.31
C MET A 258 -9.78 2.93 9.77
N ILE A 259 -10.73 3.84 9.94
CA ILE A 259 -10.51 5.23 9.53
C ILE A 259 -9.36 5.84 10.33
N GLN A 260 -9.25 5.48 11.61
CA GLN A 260 -8.09 5.93 12.38
C GLN A 260 -6.79 5.39 11.78
N LYS A 261 -6.79 4.13 11.33
CA LYS A 261 -5.60 3.57 10.69
C LYS A 261 -5.25 4.29 9.39
N LEU A 262 -6.26 4.84 8.69
CA LEU A 262 -5.96 5.65 7.51
C LEU A 262 -5.22 6.92 7.90
N ALA A 263 -5.57 7.49 9.05
CA ALA A 263 -4.82 8.63 9.56
C ALA A 263 -3.41 8.24 9.93
N ASP A 264 -3.25 7.10 10.60
CA ASP A 264 -1.91 6.56 10.85
C ASP A 264 -1.11 6.55 9.56
N LEU A 265 -1.73 6.11 8.46
CA LEU A 265 -1.04 5.97 7.20
C LEU A 265 -0.54 7.32 6.67
N ARG A 266 -1.36 8.37 6.80
CA ARG A 266 -0.93 9.69 6.38
C ARG A 266 0.38 10.07 7.07
N SER A 267 0.46 9.80 8.38
CA SER A 267 1.64 10.18 9.13
C SER A 267 2.86 9.36 8.69
N LEU A 268 2.68 8.05 8.44
CA LEU A 268 3.78 7.22 7.94
C LEU A 268 4.24 7.68 6.57
N ASN A 269 3.32 8.25 5.80
CA ASN A 269 3.65 8.74 4.46
C ASN A 269 4.58 9.95 4.55
N GLU A 270 4.21 10.93 5.37
CA GLU A 270 5.03 12.12 5.53
C GLU A 270 6.45 11.76 5.93
N GLU A 271 6.58 10.88 6.93
CA GLU A 271 7.91 10.50 7.43
C GLU A 271 8.69 9.74 6.37
N HIS A 272 8.04 8.88 5.60
CA HIS A 272 8.74 8.25 4.50
C HIS A 272 9.19 9.29 3.47
N SER A 273 8.31 10.22 3.09
CA SER A 273 8.66 11.24 2.10
C SER A 273 9.84 12.08 2.56
N LYS A 274 9.82 12.50 3.84
CA LYS A 274 10.91 13.27 4.40
C LYS A 274 12.22 12.52 4.32
N GLN A 275 12.21 11.23 4.64
CA GLN A 275 13.44 10.45 4.63
C GLN A 275 13.85 10.06 3.21
N TYR A 276 12.88 9.77 2.33
CA TYR A 276 13.21 9.53 0.92
C TYR A 276 13.96 10.72 0.34
N ARG A 277 13.52 11.94 0.67
CA ARG A 277 14.22 13.14 0.22
C ARG A 277 15.72 13.04 0.51
N SER A 278 16.08 12.57 1.70
CA SER A 278 17.49 12.50 2.07
C SER A 278 18.22 11.43 1.26
N LEU A 279 17.56 10.31 0.99
CA LEU A 279 18.15 9.32 0.10
C LEU A 279 18.35 9.89 -1.29
N SER A 280 17.32 10.50 -1.86
CA SER A 280 17.43 10.90 -3.26
C SER A 280 18.40 12.08 -3.44
N PHE A 281 18.76 12.80 -2.38
CA PHE A 281 19.79 13.82 -2.50
C PHE A 281 21.22 13.27 -2.42
N GLN A 282 21.38 11.98 -2.17
CA GLN A 282 22.70 11.36 -2.18
C GLN A 282 22.80 10.48 -3.42
N PRO A 283 23.44 10.96 -4.50
CA PRO A 283 23.41 10.21 -5.76
C PRO A 283 24.01 8.82 -5.66
N GLU A 284 24.93 8.57 -4.72
CA GLU A 284 25.41 7.21 -4.55
C GLU A 284 24.41 6.30 -3.82
N HIS A 285 23.31 6.84 -3.31
CA HIS A 285 22.21 6.04 -2.79
C HIS A 285 21.07 5.93 -3.80
N SER A 286 20.59 7.07 -4.32
CA SER A 286 19.50 7.01 -5.30
C SER A 286 19.87 6.17 -6.51
N MET A 287 21.17 6.13 -6.85
CA MET A 287 21.70 5.22 -7.86
C MET A 287 21.21 3.79 -7.65
N GLN A 288 21.03 3.38 -6.40
CA GLN A 288 20.65 2.03 -6.04
C GLN A 288 19.15 1.77 -6.15
N LEU A 289 18.34 2.77 -6.46
CA LEU A 289 16.91 2.56 -6.56
C LEU A 289 16.58 2.05 -7.96
N THR A 290 15.29 1.83 -8.24
CA THR A 290 14.86 1.45 -9.58
C THR A 290 14.20 2.61 -10.30
N PRO A 291 14.16 2.58 -11.64
CA PRO A 291 13.43 3.65 -12.37
C PRO A 291 12.01 3.88 -11.89
N LEU A 292 11.26 2.81 -11.56
CA LEU A 292 9.87 3.02 -11.18
C LEU A 292 9.76 3.70 -9.82
N VAL A 293 10.63 3.34 -8.87
CA VAL A 293 10.66 4.03 -7.58
C VAL A 293 10.95 5.52 -7.78
N LEU A 294 11.97 5.82 -8.59
CA LEU A 294 12.38 7.21 -8.77
C LEU A 294 11.25 8.04 -9.35
N GLU A 295 10.43 7.42 -10.19
CA GLU A 295 9.34 8.10 -10.87
C GLU A 295 8.13 8.29 -9.95
N VAL A 296 7.79 7.26 -9.16
CA VAL A 296 6.61 7.30 -8.31
C VAL A 296 6.86 8.13 -7.05
N PHE A 297 8.02 8.00 -6.43
CA PHE A 297 8.30 8.79 -5.25
C PHE A 297 8.94 10.13 -5.58
N GLY A 298 9.14 10.42 -6.85
CA GLY A 298 9.78 11.67 -7.21
C GLY A 298 8.85 12.85 -7.05
N SER A 299 9.45 14.03 -6.97
CA SER A 299 8.68 15.25 -6.86
C SER A 299 8.30 15.79 -8.23
N GLU A 300 8.67 15.08 -9.28
CA GLU A 300 8.71 15.58 -10.65
C GLU A 300 7.32 15.62 -11.27
N ARG B 1 6.99 13.08 -19.13
CA ARG B 1 6.78 12.93 -17.69
C ARG B 1 6.10 11.61 -17.34
N HIS B 2 6.58 10.94 -16.30
CA HIS B 2 5.94 9.74 -15.76
C HIS B 2 5.82 8.63 -16.82
N LYS B 3 6.85 8.52 -17.67
CA LYS B 3 6.85 7.58 -18.79
C LYS B 3 6.40 6.18 -18.38
N ILE B 4 7.03 5.61 -17.34
CA ILE B 4 6.72 4.25 -16.93
C ILE B 4 5.30 4.15 -16.41
N LEU B 5 4.87 5.14 -15.61
CA LEU B 5 3.53 5.14 -15.06
C LEU B 5 2.47 5.16 -16.15
N HIS B 6 2.62 6.07 -17.12
CA HIS B 6 1.70 6.14 -18.25
C HIS B 6 1.62 4.81 -18.98
N ARG B 7 2.76 4.11 -19.11
CA ARG B 7 2.77 2.82 -19.76
C ARG B 7 2.00 1.79 -18.93
N LEU B 8 2.37 1.61 -17.67
CA LEU B 8 1.73 0.62 -16.82
C LEU B 8 0.24 0.85 -16.65
N LEU B 9 -0.22 2.08 -16.81
CA LEU B 9 -1.66 2.35 -16.83
C LEU B 9 -2.33 2.00 -18.15
N GLN B 10 -1.60 1.38 -19.08
CA GLN B 10 -2.01 1.10 -20.46
C GLN B 10 -2.13 2.38 -21.30
#